data_1RKQ
#
_entry.id   1RKQ
#
_cell.length_a   45.120
_cell.length_b   54.871
_cell.length_c   67.725
_cell.angle_alpha   112.58
_cell.angle_beta   96.37
_cell.angle_gamma   106.79
#
_symmetry.space_group_name_H-M   'P 1'
#
loop_
_entity.id
_entity.type
_entity.pdbx_description
1 polymer 'Hypothetical protein yidA'
2 non-polymer 'CHLORIDE ION'
3 non-polymer 'MAGNESIUM ION'
4 water water
#
_entity_poly.entity_id   1
_entity_poly.type   'polypeptide(L)'
_entity_poly.pdbx_seq_one_letter_code
;MSLAIKLIAIDMDGTLLLPDHTISPAVKNAIAAARARGVNVVLTTGRPYAGVHNYLKELHMEQPGDYCITYNGALVQKAA
DGSTVAQTALSYDDYRFLEKLSREVGSHFHALDRTTLYTANRDISYYTVHESFVATIPLVFCEAEKMDPNTQFLKVMMID
EPAILDQAIARIPQEVKEKYTVLKSAPYFLEILDKRVNKGTGVKSLADVLGIKPEEIMAIGDQENDIAMIEYAGVGVAVD
NAIPSVKEVANFVTKSNLEDGVAFAIEKYVLNEGGSHHHHHH
;
_entity_poly.pdbx_strand_id   A,B
#
# COMPACT_ATOMS: atom_id res chain seq x y z
N SER A 2 17.32 -31.48 -16.12
CA SER A 2 17.08 -30.94 -14.75
C SER A 2 17.81 -29.63 -14.59
N LEU A 3 17.42 -28.81 -13.63
CA LEU A 3 18.10 -27.54 -13.29
C LEU A 3 18.63 -27.60 -11.85
N ALA A 4 19.73 -26.90 -11.66
CA ALA A 4 20.24 -26.81 -10.27
C ALA A 4 19.34 -25.90 -9.40
N ILE A 5 19.40 -26.20 -8.08
CA ILE A 5 18.65 -25.35 -7.11
C ILE A 5 19.34 -24.00 -6.91
N LYS A 6 18.51 -22.94 -6.98
CA LYS A 6 18.96 -21.55 -6.78
C LYS A 6 18.34 -20.97 -5.50
N LEU A 7 17.26 -21.49 -4.97
CA LEU A 7 16.59 -20.91 -3.77
C LEU A 7 16.09 -22.03 -2.89
N ILE A 8 16.32 -21.92 -1.57
CA ILE A 8 15.84 -22.89 -0.56
C ILE A 8 14.94 -22.12 0.44
N ALA A 9 13.69 -22.48 0.47
CA ALA A 9 12.76 -21.86 1.43
C ALA A 9 12.64 -22.83 2.58
N ILE A 10 12.83 -22.36 3.83
CA ILE A 10 12.87 -23.24 4.97
C ILE A 10 11.95 -22.70 6.10
N ASP A 11 11.04 -23.60 6.52
CA ASP A 11 10.21 -23.20 7.67
C ASP A 11 11.05 -23.18 8.96
N MET A 12 10.66 -22.48 10.02
CA MET A 12 11.39 -22.43 11.27
C MET A 12 10.91 -23.42 12.30
N ASP A 13 9.73 -23.22 12.95
CA ASP A 13 9.38 -24.16 14.05
C ASP A 13 9.05 -25.55 13.60
N GLY A 14 9.69 -26.59 14.16
CA GLY A 14 9.54 -27.95 13.73
C GLY A 14 10.43 -28.39 12.58
N THR A 15 11.14 -27.40 11.99
CA THR A 15 11.86 -27.67 10.75
C THR A 15 13.30 -27.19 10.86
N LEU A 16 13.63 -25.93 10.76
CA LEU A 16 14.99 -25.42 10.98
C LEU A 16 15.38 -25.55 12.45
N LEU A 17 14.45 -25.35 13.37
CA LEU A 17 14.82 -25.16 14.78
C LEU A 17 14.54 -26.38 15.66
N LEU A 18 15.55 -26.64 16.55
CA LEU A 18 15.28 -27.65 17.57
C LEU A 18 14.16 -27.25 18.50
N PRO A 19 13.68 -28.12 19.40
CA PRO A 19 12.59 -27.77 20.31
C PRO A 19 13.01 -26.74 21.30
N ASP A 20 14.26 -26.50 21.60
CA ASP A 20 14.71 -25.39 22.45
C ASP A 20 14.98 -24.07 21.71
N HIS A 21 14.54 -24.08 20.41
CA HIS A 21 14.51 -22.89 19.54
C HIS A 21 15.90 -22.49 19.05
N THR A 22 16.88 -23.41 19.12
CA THR A 22 18.22 -23.14 18.60
C THR A 22 18.37 -23.76 17.22
N ILE A 23 19.42 -23.39 16.49
CA ILE A 23 19.77 -23.96 15.18
C ILE A 23 21.02 -24.84 15.44
N SER A 24 20.98 -26.09 15.11
CA SER A 24 22.16 -26.97 15.38
C SER A 24 23.36 -26.54 14.58
N PRO A 25 24.57 -26.85 15.02
CA PRO A 25 25.76 -26.60 14.22
C PRO A 25 25.67 -27.28 12.88
N ALA A 26 25.26 -28.49 12.63
CA ALA A 26 25.13 -29.08 11.33
C ALA A 26 24.28 -28.21 10.39
N VAL A 27 23.10 -27.79 10.88
CA VAL A 27 22.23 -26.96 10.03
C VAL A 27 22.83 -25.63 9.77
N LYS A 28 23.47 -24.95 10.70
CA LYS A 28 24.16 -23.69 10.39
C LYS A 28 25.28 -23.93 9.39
N ASN A 29 26.02 -25.02 9.47
CA ASN A 29 27.11 -25.22 8.48
C ASN A 29 26.58 -25.57 7.10
N ALA A 30 25.43 -26.26 6.95
CA ALA A 30 24.92 -26.57 5.63
C ALA A 30 24.37 -25.31 4.98
N ILE A 31 23.71 -24.44 5.78
CA ILE A 31 23.20 -23.20 5.22
C ILE A 31 24.33 -22.25 4.81
N ALA A 32 25.41 -22.20 5.59
CA ALA A 32 26.59 -21.42 5.19
C ALA A 32 27.20 -22.00 3.91
N ALA A 33 27.29 -23.32 3.78
CA ALA A 33 27.89 -23.88 2.56
C ALA A 33 27.04 -23.54 1.34
N ALA A 34 25.69 -23.72 1.44
CA ALA A 34 24.85 -23.31 0.30
C ALA A 34 24.93 -21.84 -0.01
N ARG A 35 24.98 -20.90 0.95
CA ARG A 35 25.09 -19.52 0.61
C ARG A 35 26.49 -19.17 0.08
N ALA A 36 27.52 -19.89 0.51
CA ALA A 36 28.88 -19.59 -0.04
C ALA A 36 28.88 -19.95 -1.52
N ARG A 37 28.08 -20.83 -2.05
CA ARG A 37 27.97 -21.25 -3.43
C ARG A 37 27.06 -20.30 -4.21
N GLY A 38 26.43 -19.31 -3.58
CA GLY A 38 25.51 -18.45 -4.34
C GLY A 38 24.05 -18.92 -4.24
N VAL A 39 23.69 -19.92 -3.46
CA VAL A 39 22.30 -20.36 -3.41
C VAL A 39 21.54 -19.50 -2.40
N ASN A 40 20.39 -18.97 -2.78
CA ASN A 40 19.71 -18.08 -1.83
C ASN A 40 18.91 -18.89 -0.86
N VAL A 41 18.96 -18.56 0.42
CA VAL A 41 18.27 -19.27 1.49
C VAL A 41 17.29 -18.33 2.17
N VAL A 42 16.00 -18.69 2.21
CA VAL A 42 14.99 -17.76 2.74
C VAL A 42 14.17 -18.42 3.81
N LEU A 43 14.28 -17.91 5.04
CA LEU A 43 13.43 -18.41 6.15
C LEU A 43 11.99 -18.01 5.82
N THR A 44 11.08 -18.97 5.90
CA THR A 44 9.70 -18.81 5.40
C THR A 44 8.73 -19.32 6.43
N THR A 45 8.21 -18.35 7.20
CA THR A 45 7.59 -18.66 8.51
C THR A 45 6.33 -17.87 8.77
N GLY A 46 5.48 -18.46 9.66
CA GLY A 46 4.36 -17.76 10.25
C GLY A 46 4.75 -16.69 11.26
N ARG A 47 5.96 -16.83 11.82
CA ARG A 47 6.36 -15.90 12.86
C ARG A 47 6.30 -14.45 12.39
N PRO A 48 6.10 -13.52 13.32
CA PRO A 48 6.37 -12.12 13.03
C PRO A 48 7.88 -11.91 12.84
N TYR A 49 8.25 -10.80 12.16
CA TYR A 49 9.67 -10.47 12.02
C TYR A 49 10.42 -10.39 13.34
N ALA A 50 9.72 -9.94 14.41
CA ALA A 50 10.35 -9.89 15.72
C ALA A 50 10.92 -11.22 16.13
N GLY A 51 10.34 -12.31 15.67
CA GLY A 51 10.81 -13.65 15.96
C GLY A 51 11.78 -14.25 14.96
N VAL A 52 12.20 -13.42 14.01
CA VAL A 52 13.09 -13.88 12.95
C VAL A 52 14.41 -13.10 12.92
N HIS A 53 14.43 -11.81 13.19
CA HIS A 53 15.68 -11.06 12.93
C HIS A 53 16.86 -11.53 13.76
N ASN A 54 16.77 -12.10 14.93
CA ASN A 54 17.99 -12.60 15.60
C ASN A 54 18.51 -13.78 14.84
N TYR A 55 17.64 -14.63 14.27
CA TYR A 55 18.17 -15.78 13.52
C TYR A 55 18.79 -15.34 12.19
N LEU A 56 18.27 -14.28 11.52
CA LEU A 56 18.90 -13.76 10.32
C LEU A 56 20.34 -13.33 10.65
N LYS A 57 20.51 -12.63 11.77
CA LYS A 57 21.90 -12.24 12.13
C LYS A 57 22.71 -13.44 12.48
N GLU A 58 22.25 -14.45 13.15
CA GLU A 58 22.97 -15.69 13.45
C GLU A 58 23.43 -16.42 12.21
N LEU A 59 22.64 -16.44 11.13
CA LEU A 59 22.92 -17.06 9.85
C LEU A 59 23.63 -16.14 8.86
N HIS A 60 24.03 -14.97 9.28
CA HIS A 60 24.74 -13.97 8.51
C HIS A 60 23.98 -13.63 7.26
N MET A 61 22.65 -13.47 7.38
CA MET A 61 21.75 -13.03 6.30
C MET A 61 21.59 -11.52 6.36
N GLU A 62 22.67 -10.85 5.92
CA GLU A 62 22.73 -9.38 6.03
C GLU A 62 23.18 -8.70 4.74
N GLN A 63 23.19 -9.46 3.67
CA GLN A 63 23.68 -8.93 2.39
C GLN A 63 22.49 -8.41 1.62
N PRO A 64 22.69 -7.48 0.68
CA PRO A 64 21.64 -6.86 -0.05
C PRO A 64 20.65 -7.82 -0.72
N GLY A 65 21.06 -8.99 -1.14
CA GLY A 65 20.22 -9.94 -1.83
C GLY A 65 19.61 -11.00 -0.86
N ASP A 66 19.63 -10.74 0.43
CA ASP A 66 19.01 -11.68 1.40
C ASP A 66 17.59 -11.20 1.72
N TYR A 67 16.63 -12.15 1.81
CA TYR A 67 15.21 -11.87 2.07
C TYR A 67 14.71 -12.84 3.16
N CYS A 68 13.53 -12.43 3.68
CA CYS A 68 12.78 -13.39 4.57
C CYS A 68 11.31 -13.24 4.22
N ILE A 69 10.57 -14.31 4.55
CA ILE A 69 9.11 -14.31 4.35
C ILE A 69 8.46 -14.59 5.70
N THR A 70 7.67 -13.66 6.23
CA THR A 70 7.16 -13.65 7.56
C THR A 70 5.61 -13.49 7.56
N TYR A 71 5.05 -13.71 8.77
CA TYR A 71 3.60 -13.62 8.88
C TYR A 71 2.89 -14.52 7.89
N ASN A 72 3.47 -15.73 7.64
CA ASN A 72 2.90 -16.74 6.81
C ASN A 72 2.78 -16.32 5.36
N GLY A 73 3.59 -15.37 4.87
CA GLY A 73 3.49 -14.86 3.49
C GLY A 73 2.77 -13.51 3.39
N ALA A 74 2.16 -12.99 4.46
CA ALA A 74 1.57 -11.64 4.41
C ALA A 74 2.68 -10.59 4.27
N LEU A 75 3.91 -10.88 4.58
CA LEU A 75 4.99 -9.89 4.49
C LEU A 75 6.17 -10.58 3.83
N VAL A 76 6.80 -9.91 2.84
CA VAL A 76 8.06 -10.34 2.29
C VAL A 76 9.01 -9.20 2.56
N GLN A 77 10.21 -9.46 3.06
CA GLN A 77 11.10 -8.38 3.50
C GLN A 77 12.53 -8.55 2.99
N LYS A 78 13.27 -7.44 2.95
CA LYS A 78 14.73 -7.53 2.90
C LYS A 78 15.34 -7.91 4.25
N ALA A 79 16.22 -8.87 4.30
CA ALA A 79 16.80 -9.34 5.53
C ALA A 79 17.80 -8.36 6.16
N ALA A 80 18.39 -7.52 5.38
CA ALA A 80 19.42 -6.65 5.98
C ALA A 80 18.79 -5.69 6.96
N ASP A 81 17.64 -5.12 6.63
CA ASP A 81 17.06 -4.07 7.44
C ASP A 81 15.57 -4.21 7.70
N GLY A 82 14.97 -5.34 7.37
CA GLY A 82 13.55 -5.58 7.57
C GLY A 82 12.55 -4.83 6.71
N SER A 83 13.03 -4.06 5.69
CA SER A 83 12.14 -3.28 4.86
C SER A 83 11.20 -4.09 4.00
N THR A 84 10.02 -3.58 3.75
CA THR A 84 9.01 -4.29 2.99
C THR A 84 9.24 -4.44 1.52
N VAL A 85 9.15 -5.63 0.95
CA VAL A 85 9.18 -5.90 -0.51
C VAL A 85 7.78 -6.24 -0.99
N ALA A 86 6.89 -6.89 -0.20
CA ALA A 86 5.50 -7.12 -0.56
C ALA A 86 4.65 -7.25 0.72
N GLN A 87 3.42 -6.82 0.75
CA GLN A 87 2.52 -6.93 1.87
C GLN A 87 1.10 -7.11 1.40
N THR A 88 0.34 -7.97 2.09
CA THR A 88 -1.13 -7.97 1.98
C THR A 88 -1.75 -8.18 3.37
N ALA A 89 -2.43 -7.16 3.86
CA ALA A 89 -3.02 -7.27 5.19
C ALA A 89 -4.50 -7.59 5.22
N LEU A 90 -5.02 -8.16 6.29
CA LEU A 90 -6.45 -8.28 6.54
C LEU A 90 -7.00 -6.93 6.83
N SER A 91 -8.30 -6.68 6.51
CA SER A 91 -8.93 -5.42 6.90
C SER A 91 -9.39 -5.41 8.34
N TYR A 92 -9.84 -4.25 8.81
CA TYR A 92 -10.47 -4.14 10.12
C TYR A 92 -11.77 -4.91 10.21
N ASP A 93 -12.54 -4.86 9.11
CA ASP A 93 -13.80 -5.64 9.14
C ASP A 93 -13.53 -7.16 9.23
N ASP A 94 -12.42 -7.57 8.54
CA ASP A 94 -12.03 -8.99 8.68
C ASP A 94 -11.56 -9.34 10.11
N TYR A 95 -10.78 -8.44 10.75
CA TYR A 95 -10.46 -8.64 12.17
C TYR A 95 -11.72 -8.80 13.04
N ARG A 96 -12.68 -7.88 12.90
CA ARG A 96 -13.86 -8.02 13.76
C ARG A 96 -14.65 -9.27 13.48
N PHE A 97 -14.78 -9.71 12.23
CA PHE A 97 -15.48 -10.94 11.89
C PHE A 97 -14.79 -12.14 12.51
N LEU A 98 -13.42 -12.18 12.40
CA LEU A 98 -12.71 -13.37 12.91
C LEU A 98 -12.60 -13.38 14.41
N GLU A 99 -12.51 -12.21 15.05
CA GLU A 99 -12.53 -12.15 16.53
C GLU A 99 -13.84 -12.66 17.14
N LYS A 100 -14.95 -12.30 16.44
CA LYS A 100 -16.28 -12.82 16.86
C LYS A 100 -16.41 -14.30 16.56
N LEU A 101 -15.93 -14.75 15.40
CA LEU A 101 -16.00 -16.17 15.08
C LEU A 101 -15.29 -17.00 16.16
N SER A 102 -14.08 -16.50 16.61
CA SER A 102 -13.34 -17.24 17.66
C SER A 102 -14.17 -17.40 18.94
N ARG A 103 -14.89 -16.36 19.35
CA ARG A 103 -15.75 -16.49 20.52
C ARG A 103 -16.93 -17.42 20.23
N GLU A 104 -17.41 -17.50 19.02
CA GLU A 104 -18.52 -18.49 18.83
C GLU A 104 -18.01 -19.90 18.86
N VAL A 105 -16.82 -20.20 18.30
CA VAL A 105 -16.32 -21.55 18.20
C VAL A 105 -15.51 -21.97 19.42
N GLY A 106 -15.31 -21.10 20.40
CA GLY A 106 -14.70 -21.48 21.65
C GLY A 106 -13.15 -21.57 21.68
N SER A 107 -12.48 -20.73 20.87
CA SER A 107 -11.00 -20.71 20.92
C SER A 107 -10.59 -19.33 21.42
N HIS A 108 -9.40 -19.34 22.12
CA HIS A 108 -8.73 -18.03 22.34
C HIS A 108 -8.20 -17.51 20.98
N PHE A 109 -7.88 -16.21 21.01
CA PHE A 109 -7.56 -15.48 19.75
C PHE A 109 -6.62 -14.34 20.01
N HIS A 110 -5.74 -14.11 19.02
CA HIS A 110 -4.85 -12.95 19.10
C HIS A 110 -4.52 -12.48 17.71
N ALA A 111 -4.14 -11.19 17.59
CA ALA A 111 -3.87 -10.49 16.31
C ALA A 111 -2.48 -9.85 16.24
N LEU A 112 -1.89 -9.81 15.08
CA LEU A 112 -0.52 -9.22 14.97
C LEU A 112 -0.49 -8.14 13.91
N ASP A 113 0.23 -7.04 14.23
CA ASP A 113 0.58 -6.05 13.23
C ASP A 113 2.09 -6.16 13.07
N ARG A 114 2.75 -5.14 12.46
CA ARG A 114 4.16 -5.17 12.16
C ARG A 114 5.06 -5.17 13.40
N THR A 115 4.51 -4.74 14.57
CA THR A 115 5.33 -4.68 15.75
C THR A 115 4.83 -5.33 17.02
N THR A 116 3.52 -5.65 17.04
CA THR A 116 2.81 -5.92 18.32
C THR A 116 1.84 -7.04 18.21
N LEU A 117 1.69 -7.76 19.29
CA LEU A 117 0.71 -8.87 19.49
C LEU A 117 -0.39 -8.39 20.39
N TYR A 118 -1.68 -8.52 19.96
CA TYR A 118 -2.82 -8.03 20.72
C TYR A 118 -3.82 -9.14 21.10
N THR A 119 -4.41 -9.07 22.27
CA THR A 119 -5.53 -10.01 22.51
C THR A 119 -6.57 -9.22 23.29
N ALA A 120 -7.86 -9.63 23.10
CA ALA A 120 -9.00 -9.13 23.86
C ALA A 120 -9.42 -10.22 24.87
N ASN A 121 -8.77 -11.37 24.94
CA ASN A 121 -9.07 -12.33 26.00
C ASN A 121 -8.62 -11.83 27.35
N ARG A 122 -9.44 -11.82 28.39
CA ARG A 122 -9.00 -11.43 29.71
C ARG A 122 -8.29 -12.59 30.35
N ASP A 123 -8.70 -13.82 30.16
CA ASP A 123 -7.98 -15.04 30.56
C ASP A 123 -7.07 -15.36 29.40
N ILE A 124 -5.80 -14.86 29.45
CA ILE A 124 -4.93 -14.90 28.28
C ILE A 124 -4.40 -16.29 28.06
N SER A 125 -4.53 -16.86 26.83
CA SER A 125 -4.11 -18.24 26.64
C SER A 125 -2.60 -18.37 27.02
N TYR A 126 -2.26 -19.57 27.50
CA TYR A 126 -0.84 -19.96 27.54
C TYR A 126 -0.18 -19.76 26.18
N TYR A 127 -0.88 -20.01 25.04
CA TYR A 127 -0.27 -19.96 23.73
C TYR A 127 -0.19 -18.50 23.24
N THR A 128 -0.81 -17.50 23.85
CA THR A 128 -0.53 -16.09 23.55
C THR A 128 0.73 -15.67 24.35
N VAL A 129 0.85 -16.12 25.57
CA VAL A 129 2.12 -15.89 26.33
C VAL A 129 3.25 -16.57 25.57
N HIS A 130 3.06 -17.80 25.09
CA HIS A 130 4.11 -18.50 24.31
C HIS A 130 4.52 -17.68 23.11
N GLU A 131 3.60 -17.16 22.34
CA GLU A 131 3.95 -16.42 21.11
C GLU A 131 4.70 -15.17 21.54
N SER A 132 4.25 -14.43 22.54
CA SER A 132 4.93 -13.21 22.97
C SER A 132 6.36 -13.53 23.43
N PHE A 133 6.56 -14.55 24.25
CA PHE A 133 7.86 -14.85 24.84
C PHE A 133 8.79 -15.44 23.79
N VAL A 134 8.37 -16.48 23.06
CA VAL A 134 9.27 -17.20 22.13
C VAL A 134 9.50 -16.42 20.86
N ALA A 135 8.53 -15.70 20.31
CA ALA A 135 8.74 -14.88 19.14
C ALA A 135 9.15 -13.49 19.56
N THR A 136 9.43 -13.16 20.81
CA THR A 136 9.93 -11.88 21.25
C THR A 136 9.21 -10.69 20.66
N ILE A 137 7.89 -10.68 20.90
CA ILE A 137 7.02 -9.66 20.37
C ILE A 137 6.18 -9.07 21.50
N PRO A 138 6.07 -7.78 21.70
CA PRO A 138 5.35 -7.23 22.83
C PRO A 138 3.88 -7.61 22.83
N LEU A 139 3.30 -7.77 24.00
CA LEU A 139 1.89 -8.14 24.18
C LEU A 139 1.08 -6.98 24.70
N VAL A 140 -0.10 -6.71 24.06
CA VAL A 140 -0.97 -5.64 24.53
C VAL A 140 -2.40 -6.19 24.69
N PHE A 141 -3.04 -5.95 25.81
CA PHE A 141 -4.45 -6.31 26.00
C PHE A 141 -5.25 -5.11 25.47
N CYS A 142 -6.24 -5.44 24.60
CA CYS A 142 -7.18 -4.38 24.17
C CYS A 142 -8.49 -5.06 23.73
N GLU A 143 -9.60 -4.51 24.23
CA GLU A 143 -10.93 -5.01 23.85
C GLU A 143 -11.10 -4.87 22.32
N ALA A 144 -11.83 -5.79 21.71
CA ALA A 144 -12.01 -5.77 20.23
C ALA A 144 -12.59 -4.43 19.79
N GLU A 145 -13.60 -3.95 20.53
CA GLU A 145 -14.27 -2.72 20.11
C GLU A 145 -13.46 -1.51 20.46
N LYS A 146 -12.28 -1.62 21.09
CA LYS A 146 -11.40 -0.48 21.30
C LYS A 146 -10.12 -0.57 20.47
N MET A 147 -9.96 -1.59 19.64
CA MET A 147 -8.80 -1.68 18.73
C MET A 147 -8.85 -0.47 17.77
N ASP A 148 -7.68 0.08 17.48
CA ASP A 148 -7.65 1.18 16.44
C ASP A 148 -8.08 0.55 15.13
N PRO A 149 -9.02 1.15 14.42
CA PRO A 149 -9.50 0.63 13.15
C PRO A 149 -8.48 0.78 12.02
N ASN A 150 -7.36 1.50 12.22
CA ASN A 150 -6.31 1.58 11.24
C ASN A 150 -5.08 0.74 11.57
N THR A 151 -5.23 -0.15 12.56
CA THR A 151 -4.20 -1.19 12.79
C THR A 151 -4.01 -1.97 11.49
N GLN A 152 -2.74 -2.21 11.17
CA GLN A 152 -2.46 -2.98 9.95
C GLN A 152 -2.35 -4.43 10.30
N PHE A 153 -3.42 -5.20 10.21
CA PHE A 153 -3.54 -6.61 10.61
C PHE A 153 -2.94 -7.59 9.65
N LEU A 154 -1.67 -7.91 9.85
CA LEU A 154 -0.98 -8.82 8.96
C LEU A 154 -1.47 -10.26 9.08
N LYS A 155 -1.76 -10.72 10.29
CA LYS A 155 -2.34 -12.07 10.44
C LYS A 155 -3.03 -12.05 11.78
N VAL A 156 -3.98 -13.02 11.90
CA VAL A 156 -4.59 -13.31 13.22
C VAL A 156 -4.47 -14.81 13.44
N MET A 157 -4.70 -15.24 14.67
CA MET A 157 -4.59 -16.67 14.96
C MET A 157 -5.61 -17.07 16.04
N MET A 158 -6.16 -18.31 15.77
CA MET A 158 -6.90 -18.94 16.86
C MET A 158 -5.89 -19.90 17.51
N ILE A 159 -5.67 -19.73 18.83
CA ILE A 159 -4.67 -20.52 19.54
C ILE A 159 -5.31 -21.13 20.78
N ASP A 160 -4.97 -22.39 21.09
CA ASP A 160 -5.57 -22.97 22.30
C ASP A 160 -4.94 -24.36 22.54
N GLU A 161 -5.33 -24.96 23.69
CA GLU A 161 -4.98 -26.37 23.84
C GLU A 161 -5.43 -27.14 22.64
N PRO A 162 -4.74 -28.15 22.14
CA PRO A 162 -5.13 -28.85 20.96
C PRO A 162 -6.57 -29.34 20.93
N ALA A 163 -7.04 -30.00 22.03
CA ALA A 163 -8.41 -30.47 22.01
C ALA A 163 -9.39 -29.33 21.83
N ILE A 164 -9.15 -28.17 22.43
CA ILE A 164 -10.05 -27.01 22.27
C ILE A 164 -9.98 -26.43 20.87
N LEU A 165 -8.74 -26.36 20.31
CA LEU A 165 -8.59 -25.80 18.97
C LEU A 165 -9.18 -26.70 17.88
N ASP A 166 -9.00 -28.03 18.06
CA ASP A 166 -9.58 -28.92 17.03
C ASP A 166 -11.12 -28.92 17.08
N GLN A 167 -11.68 -28.80 18.26
CA GLN A 167 -13.17 -28.70 18.45
C GLN A 167 -13.60 -27.43 17.72
N ALA A 168 -12.85 -26.31 17.91
CA ALA A 168 -13.16 -25.03 17.28
C ALA A 168 -13.07 -25.09 15.77
N ILE A 169 -12.00 -25.78 15.27
CA ILE A 169 -11.90 -25.89 13.81
C ILE A 169 -13.11 -26.61 13.17
N ALA A 170 -13.53 -27.68 13.89
CA ALA A 170 -14.68 -28.46 13.33
C ALA A 170 -15.89 -27.57 13.30
N ARG A 171 -16.09 -26.56 14.09
CA ARG A 171 -17.25 -25.67 14.11
C ARG A 171 -17.06 -24.51 13.10
N ILE A 172 -15.92 -24.28 12.50
CA ILE A 172 -15.83 -23.16 11.54
C ILE A 172 -16.55 -23.57 10.25
N PRO A 173 -17.46 -22.76 9.73
CA PRO A 173 -18.12 -23.09 8.46
C PRO A 173 -17.19 -23.15 7.28
N GLN A 174 -17.38 -23.97 6.26
CA GLN A 174 -16.53 -24.06 5.08
C GLN A 174 -16.48 -22.75 4.35
N GLU A 175 -17.43 -21.86 4.41
CA GLU A 175 -17.34 -20.57 3.76
C GLU A 175 -16.13 -19.74 4.28
N VAL A 176 -15.89 -19.79 5.60
CA VAL A 176 -14.75 -19.02 6.14
C VAL A 176 -13.44 -19.52 5.61
N LYS A 177 -13.24 -20.82 5.46
CA LYS A 177 -12.10 -21.53 4.94
C LYS A 177 -11.89 -21.27 3.45
N GLU A 178 -12.97 -20.83 2.79
CA GLU A 178 -12.91 -20.32 1.42
C GLU A 178 -12.53 -18.86 1.33
N LYS A 179 -13.03 -17.99 2.20
CA LYS A 179 -12.86 -16.56 2.25
C LYS A 179 -11.45 -16.11 2.73
N TYR A 180 -10.84 -16.93 3.60
CA TYR A 180 -9.52 -16.53 4.16
C TYR A 180 -8.65 -17.75 4.05
N THR A 181 -7.31 -17.54 4.17
CA THR A 181 -6.30 -18.60 4.31
C THR A 181 -6.38 -19.08 5.74
N VAL A 182 -6.75 -20.33 5.99
CA VAL A 182 -6.98 -20.86 7.31
C VAL A 182 -6.25 -22.16 7.44
N LEU A 183 -5.05 -22.18 8.10
CA LEU A 183 -4.14 -23.32 8.10
C LEU A 183 -3.47 -23.55 9.43
N LYS A 184 -3.35 -24.77 9.94
CA LYS A 184 -2.62 -25.01 11.19
C LYS A 184 -1.10 -24.92 10.91
N SER A 185 -0.39 -24.43 11.95
CA SER A 185 1.09 -24.43 11.88
C SER A 185 1.63 -25.28 13.02
N ALA A 186 0.78 -25.82 13.89
CA ALA A 186 1.16 -26.62 15.06
C ALA A 186 -0.13 -27.17 15.65
N PRO A 187 -0.07 -28.09 16.62
CA PRO A 187 -1.36 -28.63 17.14
C PRO A 187 -2.16 -27.55 17.82
N TYR A 188 -1.61 -26.45 18.29
CA TYR A 188 -2.17 -25.40 19.11
C TYR A 188 -2.23 -24.04 18.40
N PHE A 189 -1.84 -23.99 17.11
CA PHE A 189 -1.88 -22.71 16.37
C PHE A 189 -2.63 -22.86 15.06
N LEU A 190 -3.66 -22.02 14.81
CA LEU A 190 -4.31 -21.89 13.53
C LEU A 190 -4.03 -20.51 12.95
N GLU A 191 -3.35 -20.48 11.81
CA GLU A 191 -2.95 -19.21 11.16
C GLU A 191 -4.09 -18.71 10.27
N ILE A 192 -4.46 -17.43 10.34
CA ILE A 192 -5.53 -16.93 9.45
C ILE A 192 -5.08 -15.67 8.78
N LEU A 193 -5.11 -15.57 7.45
CA LEU A 193 -4.66 -14.31 6.81
C LEU A 193 -5.50 -14.15 5.56
N ASP A 194 -5.16 -13.07 4.82
CA ASP A 194 -5.91 -12.79 3.58
C ASP A 194 -5.79 -13.96 2.62
N LYS A 195 -6.89 -14.28 1.88
CA LYS A 195 -6.85 -15.42 0.96
C LYS A 195 -5.88 -15.31 -0.22
N ARG A 196 -5.42 -14.12 -0.52
CA ARG A 196 -4.49 -13.86 -1.62
C ARG A 196 -3.09 -14.31 -1.22
N VAL A 197 -2.82 -14.58 0.07
CA VAL A 197 -1.41 -14.81 0.48
C VAL A 197 -1.31 -16.03 1.37
N ASN A 198 -0.16 -16.70 1.24
CA ASN A 198 0.21 -17.90 1.99
C ASN A 198 1.72 -18.14 1.82
N LYS A 199 2.30 -19.25 2.32
CA LYS A 199 3.77 -19.38 2.10
C LYS A 199 4.12 -19.62 0.67
N GLY A 200 3.20 -20.26 -0.06
CA GLY A 200 3.41 -20.54 -1.49
C GLY A 200 3.44 -19.31 -2.36
N THR A 201 2.49 -18.39 -2.11
CA THR A 201 2.53 -17.08 -2.80
C THR A 201 3.78 -16.26 -2.47
N GLY A 202 4.16 -16.36 -1.16
CA GLY A 202 5.36 -15.61 -0.75
C GLY A 202 6.63 -16.08 -1.45
N VAL A 203 6.82 -17.40 -1.55
CA VAL A 203 7.99 -17.99 -2.22
C VAL A 203 7.89 -17.64 -3.71
N LYS A 204 6.74 -17.80 -4.36
CA LYS A 204 6.58 -17.40 -5.77
C LYS A 204 6.83 -15.91 -5.98
N SER A 205 6.42 -15.04 -5.07
CA SER A 205 6.66 -13.59 -5.26
C SER A 205 8.16 -13.38 -5.34
N LEU A 206 8.91 -13.91 -4.41
CA LEU A 206 10.33 -13.68 -4.34
C LEU A 206 11.04 -14.33 -5.50
N ALA A 207 10.62 -15.53 -5.91
CA ALA A 207 11.23 -16.20 -7.05
C ALA A 207 11.03 -15.38 -8.30
N ASP A 208 9.83 -14.81 -8.46
CA ASP A 208 9.66 -13.93 -9.64
C ASP A 208 10.48 -12.69 -9.47
N VAL A 209 10.71 -12.02 -8.41
CA VAL A 209 11.57 -10.85 -8.28
C VAL A 209 12.96 -11.24 -8.76
N LEU A 210 13.48 -12.39 -8.41
CA LEU A 210 14.83 -12.89 -8.61
C LEU A 210 15.09 -13.68 -9.91
N GLY A 211 14.04 -13.83 -10.73
CA GLY A 211 14.19 -14.55 -11.99
C GLY A 211 14.44 -16.02 -11.77
N ILE A 212 13.90 -16.67 -10.72
CA ILE A 212 14.13 -18.08 -10.39
C ILE A 212 12.90 -18.91 -10.73
N LYS A 213 13.05 -19.98 -11.46
CA LYS A 213 11.91 -20.83 -11.89
C LYS A 213 11.56 -21.73 -10.74
N PRO A 214 10.30 -22.19 -10.62
CA PRO A 214 9.88 -23.19 -9.68
C PRO A 214 10.74 -24.42 -9.60
N GLU A 215 11.24 -24.90 -10.75
CA GLU A 215 12.14 -26.01 -10.84
C GLU A 215 13.43 -25.89 -10.03
N GLU A 216 13.88 -24.66 -9.86
CA GLU A 216 15.13 -24.30 -9.18
C GLU A 216 14.87 -24.01 -7.67
N ILE A 217 13.74 -24.39 -7.15
CA ILE A 217 13.44 -24.09 -5.73
C ILE A 217 13.29 -25.39 -4.98
N MET A 218 13.85 -25.41 -3.77
CA MET A 218 13.56 -26.45 -2.79
C MET A 218 12.79 -25.86 -1.62
N ALA A 219 11.75 -26.49 -1.12
CA ALA A 219 11.07 -25.93 0.06
C ALA A 219 10.97 -27.04 1.11
N ILE A 220 11.18 -26.70 2.37
CA ILE A 220 11.26 -27.66 3.47
C ILE A 220 10.31 -27.32 4.61
N GLY A 221 9.42 -28.22 4.99
CA GLY A 221 8.48 -27.88 6.08
C GLY A 221 7.87 -29.09 6.79
N ASP A 222 6.91 -28.86 7.67
CA ASP A 222 6.41 -29.90 8.58
C ASP A 222 4.93 -29.86 8.78
N GLN A 223 4.18 -28.78 8.60
CA GLN A 223 2.79 -28.66 9.02
C GLN A 223 1.92 -28.15 7.90
N GLU A 224 0.60 -28.08 8.17
CA GLU A 224 -0.37 -27.80 7.13
C GLU A 224 -0.11 -26.48 6.37
N ASN A 225 0.41 -25.49 7.11
CA ASN A 225 0.71 -24.22 6.47
C ASN A 225 1.97 -24.28 5.61
N ASP A 226 2.62 -25.38 5.39
CA ASP A 226 3.74 -25.57 4.47
C ASP A 226 3.30 -26.31 3.20
N ILE A 227 2.13 -26.93 3.13
CA ILE A 227 1.79 -27.72 1.94
C ILE A 227 1.86 -26.90 0.69
N ALA A 228 1.31 -25.69 0.59
CA ALA A 228 1.36 -25.03 -0.70
C ALA A 228 2.81 -24.71 -1.13
N MET A 229 3.73 -24.30 -0.28
CA MET A 229 5.09 -24.09 -0.79
C MET A 229 5.78 -25.40 -1.18
N ILE A 230 5.52 -26.51 -0.48
CA ILE A 230 6.11 -27.80 -0.89
C ILE A 230 5.54 -28.24 -2.22
N GLU A 231 4.26 -27.94 -2.50
CA GLU A 231 3.70 -28.29 -3.83
C GLU A 231 4.25 -27.38 -4.88
N TYR A 232 4.45 -26.08 -4.69
CA TYR A 232 4.96 -25.17 -5.69
C TYR A 232 6.39 -25.47 -6.05
N ALA A 233 7.27 -25.78 -5.08
CA ALA A 233 8.66 -26.03 -5.37
C ALA A 233 8.93 -27.21 -6.26
N GLY A 234 9.99 -27.13 -7.00
CA GLY A 234 10.48 -28.25 -7.83
C GLY A 234 10.93 -29.39 -6.94
N VAL A 235 11.51 -29.19 -5.73
CA VAL A 235 11.93 -30.16 -4.79
C VAL A 235 11.14 -29.84 -3.51
N GLY A 236 10.08 -30.58 -3.20
CA GLY A 236 9.35 -30.31 -1.93
C GLY A 236 9.76 -31.38 -0.92
N VAL A 237 10.22 -30.98 0.24
CA VAL A 237 10.77 -31.81 1.29
C VAL A 237 10.00 -31.68 2.58
N ALA A 238 9.65 -32.82 3.21
CA ALA A 238 9.06 -32.89 4.52
C ALA A 238 10.03 -33.47 5.52
N VAL A 239 10.29 -32.84 6.66
CA VAL A 239 11.03 -33.49 7.77
C VAL A 239 10.22 -34.73 8.24
N ASP A 240 10.93 -35.66 8.91
CA ASP A 240 10.26 -36.93 9.31
C ASP A 240 9.24 -36.66 10.39
N ASN A 241 9.28 -35.56 11.12
CA ASN A 241 8.27 -35.21 12.11
C ASN A 241 7.09 -34.39 11.52
N ALA A 242 7.04 -34.34 10.20
CA ALA A 242 5.92 -33.70 9.49
C ALA A 242 4.63 -34.51 9.65
N ILE A 243 3.51 -33.85 9.61
CA ILE A 243 2.21 -34.52 9.60
C ILE A 243 2.09 -35.31 8.31
N PRO A 244 1.21 -36.34 8.30
CA PRO A 244 1.04 -37.16 7.11
C PRO A 244 0.67 -36.49 5.83
N SER A 245 -0.18 -35.43 5.89
CA SER A 245 -0.61 -34.72 4.69
C SER A 245 0.54 -33.95 4.01
N VAL A 246 1.55 -33.65 4.79
CA VAL A 246 2.73 -32.93 4.23
C VAL A 246 3.71 -33.90 3.63
N LYS A 247 3.85 -35.08 4.31
CA LYS A 247 4.67 -36.13 3.63
C LYS A 247 4.03 -36.55 2.32
N GLU A 248 2.71 -36.60 2.25
CA GLU A 248 2.05 -37.06 1.02
C GLU A 248 2.42 -36.25 -0.19
N VAL A 249 2.63 -34.93 -0.08
CA VAL A 249 2.89 -34.06 -1.22
C VAL A 249 4.38 -33.83 -1.43
N ALA A 250 5.23 -34.33 -0.55
CA ALA A 250 6.68 -34.16 -0.75
C ALA A 250 7.34 -35.09 -1.74
N ASN A 251 8.39 -34.58 -2.41
CA ASN A 251 9.21 -35.43 -3.28
C ASN A 251 10.09 -36.30 -2.41
N PHE A 252 10.47 -35.81 -1.21
CA PHE A 252 11.44 -36.45 -0.37
C PHE A 252 11.10 -36.24 1.10
N VAL A 253 11.17 -37.30 1.91
CA VAL A 253 11.02 -37.21 3.34
C VAL A 253 12.41 -37.31 3.94
N THR A 254 12.96 -36.29 4.56
CA THR A 254 14.27 -36.23 5.16
C THR A 254 14.24 -36.61 6.65
N LYS A 255 15.33 -36.44 7.39
CA LYS A 255 15.32 -36.80 8.81
C LYS A 255 14.42 -35.84 9.61
N SER A 256 14.14 -36.08 10.87
CA SER A 256 13.41 -35.14 11.71
C SER A 256 14.28 -33.92 11.93
N ASN A 257 13.64 -32.87 12.49
CA ASN A 257 14.38 -31.68 12.92
C ASN A 257 15.39 -32.09 14.01
N LEU A 258 15.01 -33.09 14.85
CA LEU A 258 15.92 -33.55 15.90
C LEU A 258 17.18 -34.16 15.32
N GLU A 259 17.04 -34.82 14.17
CA GLU A 259 18.22 -35.43 13.53
C GLU A 259 18.84 -34.65 12.36
N ASP A 260 18.65 -33.33 12.32
CA ASP A 260 19.22 -32.44 11.29
C ASP A 260 18.70 -32.69 9.90
N GLY A 261 17.40 -32.93 9.72
CA GLY A 261 16.81 -33.16 8.41
C GLY A 261 17.07 -31.98 7.41
N VAL A 262 17.13 -30.73 7.93
CA VAL A 262 17.40 -29.64 6.97
C VAL A 262 18.80 -29.81 6.36
N ALA A 263 19.79 -30.16 7.21
CA ALA A 263 21.16 -30.33 6.66
C ALA A 263 21.22 -31.52 5.70
N PHE A 264 20.51 -32.59 6.02
CA PHE A 264 20.55 -33.76 5.14
C PHE A 264 19.93 -33.47 3.77
N ALA A 265 18.89 -32.61 3.73
CA ALA A 265 18.25 -32.26 2.49
C ALA A 265 19.11 -31.34 1.65
N ILE A 266 19.78 -30.39 2.31
CA ILE A 266 20.72 -29.49 1.63
C ILE A 266 21.90 -30.31 1.04
N GLU A 267 22.34 -31.33 1.80
CA GLU A 267 23.45 -32.15 1.23
C GLU A 267 22.94 -32.90 0.03
N LYS A 268 21.78 -33.52 0.03
CA LYS A 268 21.26 -34.31 -1.07
C LYS A 268 21.04 -33.51 -2.33
N TYR A 269 20.40 -32.34 -2.25
CA TYR A 269 19.97 -31.67 -3.47
C TYR A 269 20.88 -30.55 -3.92
N VAL A 270 21.74 -30.08 -3.02
CA VAL A 270 22.59 -28.94 -3.31
C VAL A 270 24.08 -29.23 -3.21
N LEU A 271 24.58 -29.67 -2.05
CA LEU A 271 26.01 -29.74 -1.83
C LEU A 271 26.62 -30.94 -2.55
N ASN A 272 25.87 -32.00 -2.77
CA ASN A 272 26.44 -33.15 -3.52
C ASN A 272 25.93 -33.11 -4.96
N SER B 2 14.18 7.08 9.80
CA SER B 2 12.91 7.69 9.32
C SER B 2 11.83 6.62 9.23
N LEU B 3 10.58 6.99 9.47
CA LEU B 3 9.49 6.01 9.33
C LEU B 3 9.27 5.77 7.84
N ALA B 4 8.81 4.57 7.52
CA ALA B 4 8.56 4.22 6.12
C ALA B 4 7.36 5.06 5.62
N ILE B 5 7.48 5.42 4.31
CA ILE B 5 6.34 6.15 3.73
C ILE B 5 5.13 5.28 3.66
N LYS B 6 3.91 5.72 3.98
CA LYS B 6 2.66 5.05 3.94
C LYS B 6 1.70 5.63 2.90
N LEU B 7 1.95 6.85 2.43
CA LEU B 7 1.03 7.53 1.47
C LEU B 7 1.81 8.50 0.57
N ILE B 8 1.57 8.35 -0.73
CA ILE B 8 2.21 9.19 -1.79
C ILE B 8 1.09 9.92 -2.48
N ALA B 9 1.05 11.26 -2.37
CA ALA B 9 0.11 12.11 -3.14
C ALA B 9 0.79 12.66 -4.37
N ILE B 10 0.21 12.44 -5.54
CA ILE B 10 0.88 12.78 -6.80
C ILE B 10 -0.02 13.66 -7.65
N ASP B 11 0.48 14.84 -8.04
CA ASP B 11 -0.23 15.66 -9.01
C ASP B 11 -0.19 15.00 -10.41
N MET B 12 -1.19 15.34 -11.25
CA MET B 12 -1.20 14.77 -12.59
C MET B 12 -0.49 15.62 -13.64
N ASP B 13 -1.14 16.74 -14.02
CA ASP B 13 -0.58 17.48 -15.18
C ASP B 13 0.76 18.13 -14.89
N GLY B 14 1.82 17.93 -15.62
CA GLY B 14 3.18 18.51 -15.31
C GLY B 14 3.98 17.54 -14.45
N THR B 15 3.36 16.50 -13.87
CA THR B 15 3.96 15.72 -12.80
C THR B 15 3.93 14.23 -13.12
N LEU B 16 2.79 13.59 -12.93
CA LEU B 16 2.60 12.17 -13.32
C LEU B 16 2.64 12.01 -14.86
N LEU B 17 1.99 12.97 -15.50
CA LEU B 17 1.69 12.76 -16.92
C LEU B 17 2.68 13.37 -17.89
N LEU B 18 2.98 12.68 -18.96
CA LEU B 18 3.83 13.27 -20.04
C LEU B 18 3.00 14.33 -20.70
N PRO B 19 3.57 15.15 -21.64
CA PRO B 19 2.82 16.15 -22.36
C PRO B 19 1.72 15.65 -23.25
N ASP B 20 1.80 14.38 -23.70
CA ASP B 20 0.71 13.77 -24.43
C ASP B 20 -0.32 13.09 -23.58
N HIS B 21 -0.25 13.31 -22.25
CA HIS B 21 -1.28 12.96 -21.28
C HIS B 21 -1.23 11.47 -20.99
N THR B 22 -0.18 10.75 -21.35
CA THR B 22 -0.03 9.33 -20.97
C THR B 22 0.83 9.25 -19.74
N ILE B 23 0.82 8.06 -19.09
CA ILE B 23 1.76 7.67 -18.03
C ILE B 23 2.83 6.71 -18.61
N SER B 24 4.08 6.99 -18.43
CA SER B 24 5.15 6.18 -19.02
C SER B 24 5.19 4.83 -18.31
N PRO B 25 5.64 3.77 -18.96
CA PRO B 25 5.86 2.49 -18.33
C PRO B 25 6.70 2.63 -17.11
N ALA B 26 7.74 3.37 -16.90
CA ALA B 26 8.56 3.44 -15.71
C ALA B 26 7.70 3.98 -14.55
N VAL B 27 6.91 4.99 -14.82
CA VAL B 27 6.05 5.52 -13.74
C VAL B 27 5.03 4.49 -13.35
N LYS B 28 4.33 3.84 -14.27
CA LYS B 28 3.37 2.78 -13.96
C LYS B 28 4.04 1.65 -13.16
N ASN B 29 5.24 1.27 -13.53
CA ASN B 29 5.87 0.18 -12.76
C ASN B 29 6.26 0.64 -11.38
N ALA B 30 6.68 1.88 -11.14
CA ALA B 30 7.04 2.37 -9.83
C ALA B 30 5.83 2.44 -8.92
N ILE B 31 4.68 2.89 -9.45
CA ILE B 31 3.44 2.96 -8.74
C ILE B 31 3.00 1.54 -8.34
N ALA B 32 3.03 0.57 -9.27
CA ALA B 32 2.66 -0.80 -8.91
C ALA B 32 3.60 -1.33 -7.85
N ALA B 33 4.88 -1.05 -7.86
CA ALA B 33 5.79 -1.56 -6.84
C ALA B 33 5.48 -0.95 -5.48
N ALA B 34 5.12 0.33 -5.42
CA ALA B 34 4.77 0.92 -4.13
C ALA B 34 3.48 0.29 -3.59
N ARG B 35 2.50 0.13 -4.43
CA ARG B 35 1.21 -0.46 -4.01
C ARG B 35 1.43 -1.92 -3.58
N ALA B 36 2.32 -2.64 -4.22
CA ALA B 36 2.56 -4.04 -3.78
C ALA B 36 3.12 -4.05 -2.36
N ARG B 37 3.80 -3.05 -1.89
CA ARG B 37 4.31 -2.91 -0.54
C ARG B 37 3.29 -2.31 0.42
N GLY B 38 2.05 -2.16 0.01
CA GLY B 38 1.03 -1.61 0.85
C GLY B 38 1.06 -0.09 1.00
N VAL B 39 1.81 0.64 0.16
CA VAL B 39 1.83 2.10 0.26
C VAL B 39 0.66 2.65 -0.53
N ASN B 40 -0.17 3.50 0.09
CA ASN B 40 -1.29 4.16 -0.57
C ASN B 40 -0.83 5.23 -1.58
N VAL B 41 -1.30 5.14 -2.81
CA VAL B 41 -0.90 6.16 -3.81
C VAL B 41 -2.20 6.83 -4.24
N VAL B 42 -2.23 8.18 -4.07
CA VAL B 42 -3.44 8.97 -4.26
C VAL B 42 -3.21 10.08 -5.29
N LEU B 43 -3.86 9.96 -6.44
CA LEU B 43 -3.80 11.05 -7.46
C LEU B 43 -4.52 12.23 -6.86
N THR B 44 -3.80 13.38 -6.92
CA THR B 44 -4.24 14.61 -6.18
C THR B 44 -4.19 15.78 -7.15
N THR B 45 -5.35 16.14 -7.68
CA THR B 45 -5.43 16.96 -8.92
C THR B 45 -6.52 17.99 -8.81
N GLY B 46 -6.31 19.06 -9.60
CA GLY B 46 -7.37 20.04 -9.91
C GLY B 46 -8.41 19.52 -10.91
N ARG B 47 -8.06 18.45 -11.63
CA ARG B 47 -9.02 17.91 -12.61
C ARG B 47 -10.36 17.55 -11.99
N PRO B 48 -11.42 17.59 -12.77
CA PRO B 48 -12.66 16.93 -12.37
C PRO B 48 -12.46 15.42 -12.47
N TYR B 49 -13.26 14.65 -11.71
CA TYR B 49 -13.20 13.19 -11.80
C TYR B 49 -13.37 12.61 -13.20
N ALA B 50 -14.06 13.32 -14.08
CA ALA B 50 -14.19 12.88 -15.50
C ALA B 50 -12.83 12.73 -16.15
N GLY B 51 -11.84 13.51 -15.70
CA GLY B 51 -10.50 13.46 -16.23
C GLY B 51 -9.54 12.60 -15.49
N VAL B 52 -10.04 11.80 -14.53
CA VAL B 52 -9.23 10.98 -13.65
C VAL B 52 -9.56 9.48 -13.69
N HIS B 53 -10.86 9.19 -13.86
CA HIS B 53 -11.20 7.76 -13.70
C HIS B 53 -10.53 6.81 -14.68
N ASN B 54 -10.14 7.20 -15.91
CA ASN B 54 -9.48 6.28 -16.80
C ASN B 54 -8.10 5.95 -16.31
N TYR B 55 -7.42 6.95 -15.67
CA TYR B 55 -6.08 6.72 -15.15
C TYR B 55 -6.13 5.85 -13.89
N LEU B 56 -7.21 5.98 -13.10
CA LEU B 56 -7.36 5.06 -11.94
C LEU B 56 -7.49 3.59 -12.40
N LYS B 57 -8.21 3.38 -13.47
CA LYS B 57 -8.32 2.00 -14.00
C LYS B 57 -6.98 1.54 -14.53
N GLU B 58 -6.23 2.42 -15.23
CA GLU B 58 -4.92 2.06 -15.78
C GLU B 58 -3.93 1.67 -14.68
N LEU B 59 -4.04 2.34 -13.53
CA LEU B 59 -3.12 2.09 -12.41
C LEU B 59 -3.63 1.02 -11.45
N HIS B 60 -4.74 0.37 -11.81
CA HIS B 60 -5.34 -0.72 -11.03
C HIS B 60 -5.76 -0.24 -9.65
N MET B 61 -6.25 0.99 -9.49
CA MET B 61 -6.65 1.59 -8.24
C MET B 61 -8.15 1.32 -8.05
N GLU B 62 -8.44 0.06 -7.74
CA GLU B 62 -9.82 -0.39 -7.56
C GLU B 62 -10.03 -1.21 -6.30
N GLN B 63 -9.13 -1.18 -5.35
CA GLN B 63 -9.27 -1.84 -4.06
C GLN B 63 -10.13 -0.93 -3.19
N PRO B 64 -10.72 -1.42 -2.10
CA PRO B 64 -11.55 -0.67 -1.19
C PRO B 64 -10.83 0.46 -0.49
N GLY B 65 -9.53 0.33 -0.24
CA GLY B 65 -8.78 1.34 0.47
C GLY B 65 -8.16 2.39 -0.50
N ASP B 66 -8.54 2.39 -1.75
CA ASP B 66 -7.96 3.37 -2.70
C ASP B 66 -8.85 4.59 -2.78
N TYR B 67 -8.20 5.77 -2.92
CA TYR B 67 -8.86 7.07 -2.90
C TYR B 67 -8.25 7.96 -4.01
N CYS B 68 -8.98 9.00 -4.38
CA CYS B 68 -8.44 10.08 -5.23
C CYS B 68 -8.95 11.39 -4.65
N ILE B 69 -8.21 12.47 -4.98
CA ILE B 69 -8.54 13.84 -4.50
C ILE B 69 -8.64 14.69 -5.75
N THR B 70 -9.83 15.17 -6.05
CA THR B 70 -10.11 15.85 -7.33
C THR B 70 -10.64 17.24 -7.10
N TYR B 71 -10.83 18.05 -8.16
CA TYR B 71 -11.32 19.40 -7.99
C TYR B 71 -10.48 20.15 -6.97
N ASN B 72 -9.14 19.96 -6.97
CA ASN B 72 -8.19 20.65 -6.14
C ASN B 72 -8.44 20.49 -4.67
N GLY B 73 -9.12 19.42 -4.23
CA GLY B 73 -9.37 19.22 -2.82
C GLY B 73 -10.84 19.47 -2.49
N ALA B 74 -11.66 19.99 -3.41
CA ALA B 74 -13.08 20.17 -3.11
C ALA B 74 -13.76 18.80 -3.05
N LEU B 75 -13.24 17.75 -3.63
CA LEU B 75 -13.82 16.41 -3.57
C LEU B 75 -12.76 15.44 -3.18
N VAL B 76 -13.01 14.57 -2.22
CA VAL B 76 -12.25 13.36 -1.89
C VAL B 76 -13.17 12.18 -2.21
N GLN B 77 -12.69 11.20 -2.99
CA GLN B 77 -13.51 10.12 -3.45
C GLN B 77 -12.86 8.78 -3.24
N LYS B 78 -13.73 7.72 -3.19
CA LYS B 78 -13.20 6.37 -3.32
C LYS B 78 -12.85 6.09 -4.78
N ALA B 79 -11.65 5.52 -4.98
CA ALA B 79 -11.23 5.28 -6.37
C ALA B 79 -12.00 4.16 -7.05
N ALA B 80 -12.50 3.17 -6.32
CA ALA B 80 -13.19 2.03 -6.92
C ALA B 80 -14.44 2.37 -7.69
N ASP B 81 -15.26 3.30 -7.19
CA ASP B 81 -16.54 3.62 -7.81
C ASP B 81 -16.81 5.12 -7.93
N GLY B 82 -15.87 5.96 -7.47
CA GLY B 82 -16.02 7.41 -7.65
C GLY B 82 -16.98 8.06 -6.65
N SER B 83 -17.40 7.24 -5.64
CA SER B 83 -18.33 7.79 -4.67
C SER B 83 -17.63 8.81 -3.78
N THR B 84 -18.38 9.81 -3.34
CA THR B 84 -17.84 10.90 -2.52
C THR B 84 -17.61 10.53 -1.07
N VAL B 85 -16.52 10.87 -0.50
CA VAL B 85 -16.15 10.77 0.91
C VAL B 85 -16.21 12.14 1.54
N ALA B 86 -15.87 13.23 0.89
CA ALA B 86 -15.89 14.56 1.41
C ALA B 86 -16.12 15.55 0.29
N GLN B 87 -16.93 16.56 0.47
CA GLN B 87 -17.17 17.63 -0.49
C GLN B 87 -17.33 18.96 0.23
N THR B 88 -16.76 20.01 -0.36
CA THR B 88 -17.03 21.38 0.06
C THR B 88 -17.16 22.29 -1.19
N ALA B 89 -18.35 22.75 -1.45
CA ALA B 89 -18.58 23.59 -2.64
C ALA B 89 -18.63 25.07 -2.42
N LEU B 90 -18.37 25.95 -3.37
CA LEU B 90 -18.70 27.34 -3.36
C LEU B 90 -20.24 27.41 -3.39
N SER B 91 -20.71 28.59 -2.89
CA SER B 91 -22.17 28.78 -3.00
C SER B 91 -22.51 29.37 -4.37
N TYR B 92 -23.82 29.45 -4.64
CA TYR B 92 -24.33 30.24 -5.77
C TYR B 92 -23.94 31.71 -5.72
N ASP B 93 -23.99 32.35 -4.55
CA ASP B 93 -23.56 33.73 -4.41
C ASP B 93 -22.07 33.91 -4.70
N ASP B 94 -21.29 32.94 -4.28
CA ASP B 94 -19.85 32.92 -4.65
C ASP B 94 -19.63 32.86 -6.18
N TYR B 95 -20.33 31.92 -6.84
CA TYR B 95 -20.29 31.86 -8.29
C TYR B 95 -20.62 33.21 -8.89
N ARG B 96 -21.79 33.83 -8.49
CA ARG B 96 -22.07 35.11 -9.16
C ARG B 96 -21.03 36.18 -8.89
N PHE B 97 -20.48 36.26 -7.66
CA PHE B 97 -19.42 37.18 -7.37
C PHE B 97 -18.18 37.02 -8.27
N LEU B 98 -17.77 35.71 -8.35
CA LEU B 98 -16.56 35.43 -9.12
C LEU B 98 -16.75 35.59 -10.61
N GLU B 99 -17.91 35.20 -11.14
CA GLU B 99 -18.15 35.43 -12.58
C GLU B 99 -18.02 36.91 -12.90
N LYS B 100 -18.68 37.77 -12.07
CA LYS B 100 -18.60 39.23 -12.30
C LYS B 100 -17.19 39.79 -12.11
N LEU B 101 -16.45 39.23 -11.13
CA LEU B 101 -15.07 39.71 -10.96
C LEU B 101 -14.24 39.32 -12.20
N SER B 102 -14.51 38.12 -12.79
CA SER B 102 -13.67 37.77 -13.96
C SER B 102 -13.81 38.76 -15.12
N ARG B 103 -15.05 39.25 -15.32
CA ARG B 103 -15.26 40.28 -16.31
C ARG B 103 -14.54 41.61 -16.00
N GLU B 104 -14.60 41.92 -14.71
CA GLU B 104 -13.98 43.17 -14.22
C GLU B 104 -12.47 43.16 -14.40
N VAL B 105 -11.83 42.01 -14.17
CA VAL B 105 -10.36 41.93 -14.26
C VAL B 105 -9.87 41.51 -15.65
N GLY B 106 -10.78 41.16 -16.58
CA GLY B 106 -10.43 40.89 -17.96
C GLY B 106 -9.96 39.45 -18.27
N SER B 107 -10.52 38.45 -17.62
CA SER B 107 -10.20 37.06 -17.98
C SER B 107 -11.46 36.31 -18.36
N HIS B 108 -11.28 35.28 -19.22
CA HIS B 108 -12.35 34.30 -19.47
C HIS B 108 -12.54 33.48 -18.16
N PHE B 109 -13.68 32.79 -18.11
CA PHE B 109 -14.08 32.13 -16.85
C PHE B 109 -14.99 30.93 -17.13
N HIS B 110 -14.81 29.89 -16.33
CA HIS B 110 -15.74 28.78 -16.44
C HIS B 110 -15.86 28.15 -15.07
N ALA B 111 -16.97 27.33 -14.88
CA ALA B 111 -17.35 26.76 -13.60
C ALA B 111 -17.70 25.29 -13.68
N LEU B 112 -17.39 24.46 -12.69
CA LEU B 112 -17.58 23.04 -12.73
C LEU B 112 -18.42 22.54 -11.59
N ASP B 113 -19.37 21.64 -11.87
CA ASP B 113 -20.01 20.82 -10.85
C ASP B 113 -19.51 19.42 -10.96
N ARG B 114 -20.19 18.41 -10.35
CA ARG B 114 -19.76 17.04 -10.38
C ARG B 114 -19.71 16.36 -11.76
N THR B 115 -20.49 16.91 -12.71
CA THR B 115 -20.50 16.22 -14.02
C THR B 115 -20.21 17.15 -15.18
N THR B 116 -20.24 18.47 -15.06
CA THR B 116 -20.39 19.40 -16.19
C THR B 116 -19.48 20.62 -16.00
N LEU B 117 -18.96 21.17 -17.13
CA LEU B 117 -18.22 22.42 -17.26
C LEU B 117 -19.09 23.46 -17.89
N TYR B 118 -19.26 24.64 -17.33
CA TYR B 118 -20.14 25.68 -17.81
C TYR B 118 -19.39 26.98 -18.14
N THR B 119 -19.73 27.67 -19.20
CA THR B 119 -19.25 29.04 -19.36
C THR B 119 -20.40 29.95 -19.83
N ALA B 120 -20.29 31.22 -19.50
CA ALA B 120 -21.10 32.29 -20.05
C ALA B 120 -20.36 33.09 -21.09
N ASN B 121 -19.11 32.77 -21.44
CA ASN B 121 -18.41 33.52 -22.49
C ASN B 121 -18.86 33.07 -23.87
N ARG B 122 -19.36 34.02 -24.66
CA ARG B 122 -19.82 33.60 -26.04
C ARG B 122 -18.64 33.33 -26.92
N ASP B 123 -17.54 34.05 -26.74
CA ASP B 123 -16.26 33.78 -27.46
C ASP B 123 -15.58 32.82 -26.47
N ILE B 124 -15.74 31.51 -26.65
CA ILE B 124 -15.29 30.50 -25.66
C ILE B 124 -13.76 30.49 -25.70
N SER B 125 -13.11 30.52 -24.50
CA SER B 125 -11.62 30.50 -24.53
C SER B 125 -11.18 29.15 -25.07
N TYR B 126 -10.02 29.21 -25.77
CA TYR B 126 -9.27 28.02 -26.12
C TYR B 126 -9.08 27.16 -24.90
N TYR B 127 -8.85 27.74 -23.70
CA TYR B 127 -8.56 26.96 -22.50
C TYR B 127 -9.82 26.38 -21.85
N THR B 128 -11.02 26.82 -22.22
CA THR B 128 -12.29 26.11 -21.86
C THR B 128 -12.47 24.89 -22.74
N VAL B 129 -12.20 25.08 -24.04
CA VAL B 129 -12.18 23.93 -24.96
C VAL B 129 -11.15 22.88 -24.56
N HIS B 130 -9.93 23.37 -24.16
CA HIS B 130 -8.94 22.46 -23.67
C HIS B 130 -9.40 21.67 -22.48
N GLU B 131 -9.98 22.32 -21.49
CA GLU B 131 -10.45 21.58 -20.28
C GLU B 131 -11.51 20.56 -20.66
N SER B 132 -12.47 20.93 -21.53
CA SER B 132 -13.54 19.95 -21.90
C SER B 132 -12.95 18.76 -22.63
N PHE B 133 -12.02 19.02 -23.56
CA PHE B 133 -11.46 17.95 -24.38
C PHE B 133 -10.51 17.05 -23.61
N VAL B 134 -9.54 17.67 -22.93
CA VAL B 134 -8.48 16.88 -22.31
C VAL B 134 -9.01 16.17 -21.06
N ALA B 135 -9.89 16.84 -20.32
CA ALA B 135 -10.38 16.19 -19.08
C ALA B 135 -11.70 15.54 -19.38
N THR B 136 -12.17 15.39 -20.60
CA THR B 136 -13.33 14.66 -21.04
C THR B 136 -14.54 14.98 -20.18
N ILE B 137 -14.84 16.25 -20.05
CA ILE B 137 -15.99 16.74 -19.27
C ILE B 137 -16.90 17.47 -20.21
N PRO B 138 -18.20 17.20 -20.27
CA PRO B 138 -19.11 17.92 -21.16
C PRO B 138 -19.20 19.39 -20.94
N LEU B 139 -19.30 20.22 -22.02
CA LEU B 139 -19.36 21.64 -21.98
C LEU B 139 -20.77 22.21 -22.23
N VAL B 140 -21.19 23.11 -21.41
CA VAL B 140 -22.49 23.77 -21.54
C VAL B 140 -22.31 25.26 -21.55
N PHE B 141 -22.91 25.98 -22.53
CA PHE B 141 -23.03 27.42 -22.50
C PHE B 141 -24.29 27.76 -21.72
N CYS B 142 -24.08 28.69 -20.75
CA CYS B 142 -25.25 29.21 -20.03
C CYS B 142 -24.93 30.60 -19.54
N GLU B 143 -25.84 31.58 -19.69
CA GLU B 143 -25.65 32.89 -19.18
C GLU B 143 -25.57 32.84 -17.63
N ALA B 144 -24.81 33.67 -16.99
CA ALA B 144 -24.63 33.69 -15.54
C ALA B 144 -25.97 33.81 -14.79
N GLU B 145 -26.87 34.65 -15.31
CA GLU B 145 -28.17 34.88 -14.65
C GLU B 145 -29.15 33.77 -14.92
N LYS B 146 -28.90 32.79 -15.75
CA LYS B 146 -29.68 31.64 -16.05
C LYS B 146 -29.15 30.37 -15.43
N MET B 147 -27.97 30.40 -14.78
CA MET B 147 -27.46 29.22 -14.06
C MET B 147 -28.43 28.78 -12.94
N ASP B 148 -28.60 27.48 -12.77
CA ASP B 148 -29.57 27.02 -11.72
C ASP B 148 -28.88 27.34 -10.41
N PRO B 149 -29.57 27.94 -9.42
CA PRO B 149 -29.00 28.27 -8.14
C PRO B 149 -28.77 27.02 -7.28
N ASN B 150 -29.29 25.87 -7.67
CA ASN B 150 -29.03 24.65 -6.94
C ASN B 150 -27.80 23.91 -7.48
N THR B 151 -27.12 24.42 -8.51
CA THR B 151 -25.86 23.82 -8.99
C THR B 151 -24.84 23.70 -7.83
N GLN B 152 -24.16 22.57 -7.75
CA GLN B 152 -23.11 22.52 -6.68
C GLN B 152 -21.76 22.93 -7.28
N PHE B 153 -21.29 24.12 -7.04
CA PHE B 153 -20.08 24.67 -7.65
C PHE B 153 -18.79 24.17 -7.02
N LEU B 154 -18.27 23.01 -7.42
CA LEU B 154 -17.09 22.47 -6.72
C LEU B 154 -15.86 23.31 -6.90
N LYS B 155 -15.68 23.95 -8.05
CA LYS B 155 -14.60 24.93 -8.28
C LYS B 155 -15.03 25.84 -9.43
N VAL B 156 -14.41 26.98 -9.57
CA VAL B 156 -14.46 27.82 -10.75
C VAL B 156 -13.02 28.16 -11.13
N MET B 157 -12.86 28.65 -12.39
CA MET B 157 -11.47 28.94 -12.85
C MET B 157 -11.50 30.23 -13.65
N MET B 158 -10.46 31.04 -13.50
CA MET B 158 -10.15 32.08 -14.49
C MET B 158 -9.13 31.46 -15.43
N ILE B 159 -9.37 31.49 -16.74
CA ILE B 159 -8.50 30.81 -17.68
C ILE B 159 -8.28 31.74 -18.85
N ASP B 160 -7.04 31.82 -19.38
CA ASP B 160 -6.78 32.69 -20.52
C ASP B 160 -5.32 32.55 -20.99
N GLU B 161 -5.03 33.25 -22.09
CA GLU B 161 -3.58 33.34 -22.45
C GLU B 161 -2.81 33.72 -21.26
N PRO B 162 -1.59 33.16 -20.97
CA PRO B 162 -0.94 33.46 -19.70
C PRO B 162 -0.71 34.92 -19.35
N ALA B 163 -0.31 35.73 -20.38
CA ALA B 163 -0.08 37.12 -20.05
C ALA B 163 -1.39 37.84 -19.67
N ILE B 164 -2.47 37.45 -20.33
CA ILE B 164 -3.79 38.07 -20.01
C ILE B 164 -4.27 37.70 -18.63
N LEU B 165 -4.07 36.36 -18.31
CA LEU B 165 -4.39 35.85 -17.01
C LEU B 165 -3.57 36.48 -15.88
N ASP B 166 -2.25 36.62 -16.11
CA ASP B 166 -1.43 37.27 -15.08
C ASP B 166 -1.80 38.77 -14.85
N GLN B 167 -2.16 39.45 -15.89
CA GLN B 167 -2.64 40.83 -15.74
C GLN B 167 -3.91 40.81 -14.89
N ALA B 168 -4.83 39.84 -15.12
CA ALA B 168 -6.03 39.75 -14.32
C ALA B 168 -5.71 39.48 -12.86
N ILE B 169 -4.81 38.49 -12.63
CA ILE B 169 -4.45 38.14 -11.22
C ILE B 169 -3.96 39.36 -10.42
N ALA B 170 -3.19 40.17 -11.13
CA ALA B 170 -2.66 41.41 -10.46
C ALA B 170 -3.77 42.39 -10.14
N ARG B 171 -4.90 42.36 -10.80
CA ARG B 171 -6.07 43.19 -10.51
C ARG B 171 -6.98 42.64 -9.47
N ILE B 172 -6.85 41.36 -9.09
CA ILE B 172 -7.76 40.81 -8.07
C ILE B 172 -7.41 41.39 -6.70
N PRO B 173 -8.40 41.96 -5.99
CA PRO B 173 -8.06 42.58 -4.72
C PRO B 173 -7.53 41.55 -3.75
N GLN B 174 -6.64 41.96 -2.83
CA GLN B 174 -6.16 41.04 -1.81
C GLN B 174 -7.28 40.46 -0.96
N GLU B 175 -8.42 41.08 -0.71
CA GLU B 175 -9.54 40.58 0.04
C GLU B 175 -10.15 39.31 -0.57
N VAL B 176 -10.16 39.24 -1.93
CA VAL B 176 -10.74 38.02 -2.54
C VAL B 176 -9.76 36.89 -2.34
N LYS B 177 -8.46 37.17 -2.42
CA LYS B 177 -7.45 36.13 -2.18
C LYS B 177 -7.47 35.57 -0.77
N GLU B 178 -7.99 36.36 0.17
CA GLU B 178 -8.15 35.88 1.56
C GLU B 178 -9.46 35.15 1.74
N LYS B 179 -10.51 35.50 1.02
CA LYS B 179 -11.84 34.89 1.16
C LYS B 179 -11.92 33.54 0.43
N TYR B 180 -11.11 33.35 -0.62
CA TYR B 180 -11.21 32.08 -1.39
C TYR B 180 -9.83 31.50 -1.55
N THR B 181 -9.77 30.21 -1.87
CA THR B 181 -8.52 29.62 -2.35
C THR B 181 -8.23 30.04 -3.78
N VAL B 182 -7.16 30.78 -4.09
CA VAL B 182 -6.92 31.34 -5.40
C VAL B 182 -5.51 30.98 -5.80
N LEU B 183 -5.31 29.92 -6.62
CA LEU B 183 -4.01 29.40 -6.94
C LEU B 183 -3.75 28.99 -8.38
N LYS B 184 -2.65 29.30 -9.06
CA LYS B 184 -2.44 28.81 -10.40
C LYS B 184 -2.13 27.32 -10.37
N SER B 185 -2.56 26.64 -11.46
CA SER B 185 -2.18 25.24 -11.67
C SER B 185 -1.42 25.08 -12.96
N ALA B 186 -1.27 26.13 -13.79
CA ALA B 186 -0.62 26.08 -15.09
C ALA B 186 -0.45 27.54 -15.53
N PRO B 187 0.33 27.85 -16.54
CA PRO B 187 0.46 29.26 -16.93
C PRO B 187 -0.88 29.92 -17.21
N TYR B 188 -1.87 29.12 -17.72
CA TYR B 188 -3.16 29.58 -18.28
C TYR B 188 -4.33 29.19 -17.39
N PHE B 189 -4.14 28.61 -16.20
CA PHE B 189 -5.22 28.23 -15.29
C PHE B 189 -5.10 28.80 -13.89
N LEU B 190 -6.13 29.54 -13.42
CA LEU B 190 -6.24 29.92 -12.03
C LEU B 190 -7.38 29.22 -11.36
N GLU B 191 -7.08 28.35 -10.40
CA GLU B 191 -8.07 27.57 -9.65
C GLU B 191 -8.70 28.40 -8.57
N ILE B 192 -9.99 28.40 -8.42
CA ILE B 192 -10.67 29.17 -7.33
C ILE B 192 -11.65 28.25 -6.66
N LEU B 193 -11.59 28.09 -5.32
CA LEU B 193 -12.51 27.26 -4.59
C LEU B 193 -12.69 27.80 -3.15
N ASP B 194 -13.55 27.05 -2.47
CA ASP B 194 -13.87 27.51 -1.08
C ASP B 194 -12.61 27.55 -0.27
N LYS B 195 -12.36 28.60 0.58
CA LYS B 195 -11.20 28.72 1.40
C LYS B 195 -10.96 27.55 2.41
N ARG B 196 -11.94 26.73 2.68
CA ARG B 196 -11.77 25.62 3.63
C ARG B 196 -11.12 24.42 2.93
N VAL B 197 -10.93 24.43 1.60
CA VAL B 197 -10.39 23.25 0.91
C VAL B 197 -9.33 23.67 -0.10
N ASN B 198 -8.31 22.79 -0.21
CA ASN B 198 -7.19 22.87 -1.14
C ASN B 198 -6.48 21.50 -1.25
N LYS B 199 -5.39 21.34 -1.97
CA LYS B 199 -4.80 20.00 -2.04
C LYS B 199 -4.24 19.53 -0.71
N GLY B 200 -3.71 20.47 0.09
CA GLY B 200 -3.17 20.10 1.42
C GLY B 200 -4.28 19.75 2.36
N THR B 201 -5.46 20.35 2.39
CA THR B 201 -6.53 19.84 3.23
C THR B 201 -7.04 18.48 2.82
N GLY B 202 -6.99 18.26 1.49
CA GLY B 202 -7.43 16.95 1.02
C GLY B 202 -6.51 15.84 1.48
N VAL B 203 -5.18 16.05 1.33
CA VAL B 203 -4.20 15.04 1.73
C VAL B 203 -4.28 14.90 3.25
N LYS B 204 -4.34 15.96 4.04
CA LYS B 204 -4.41 15.87 5.50
C LYS B 204 -5.68 15.21 5.95
N SER B 205 -6.80 15.42 5.28
CA SER B 205 -8.06 14.74 5.62
C SER B 205 -7.93 13.25 5.46
N LEU B 206 -7.24 12.78 4.42
CA LEU B 206 -7.06 11.36 4.17
C LEU B 206 -6.05 10.75 5.08
N ALA B 207 -4.98 11.42 5.43
CA ALA B 207 -4.00 10.96 6.38
C ALA B 207 -4.66 10.84 7.75
N ASP B 208 -5.52 11.79 8.11
CA ASP B 208 -6.18 11.76 9.42
C ASP B 208 -7.12 10.58 9.49
N VAL B 209 -7.91 10.25 8.49
CA VAL B 209 -8.86 9.16 8.51
C VAL B 209 -8.17 7.81 8.44
N LEU B 210 -6.98 7.72 7.83
CA LEU B 210 -6.22 6.49 7.78
C LEU B 210 -5.18 6.33 8.86
N GLY B 211 -5.08 7.29 9.79
CA GLY B 211 -4.10 7.27 10.87
C GLY B 211 -2.67 7.25 10.40
N ILE B 212 -2.38 8.10 9.39
CA ILE B 212 -1.03 8.29 8.87
C ILE B 212 -0.38 9.59 9.35
N LYS B 213 0.84 9.55 9.87
CA LYS B 213 1.49 10.77 10.35
C LYS B 213 2.09 11.54 9.18
N PRO B 214 2.26 12.88 9.29
CA PRO B 214 2.88 13.65 8.25
C PRO B 214 4.21 13.13 7.82
N GLU B 215 5.06 12.54 8.73
CA GLU B 215 6.38 12.05 8.34
C GLU B 215 6.32 10.79 7.42
N GLU B 216 5.15 10.20 7.39
CA GLU B 216 4.88 9.03 6.57
C GLU B 216 4.27 9.38 5.21
N ILE B 217 4.25 10.67 4.86
CA ILE B 217 3.62 11.11 3.56
C ILE B 217 4.70 11.75 2.67
N MET B 218 4.66 11.38 1.37
CA MET B 218 5.41 12.05 0.33
C MET B 218 4.41 12.72 -0.63
N ALA B 219 4.68 13.95 -1.05
CA ALA B 219 3.78 14.60 -2.02
C ALA B 219 4.64 15.14 -3.17
N ILE B 220 4.16 15.02 -4.40
CA ILE B 220 4.95 15.36 -5.59
C ILE B 220 4.12 16.29 -6.47
N GLY B 221 4.72 17.43 -6.88
CA GLY B 221 3.95 18.42 -7.68
C GLY B 221 4.89 19.35 -8.48
N ASP B 222 4.26 20.29 -9.17
CA ASP B 222 4.95 21.21 -10.09
C ASP B 222 4.50 22.66 -10.02
N GLN B 223 3.32 23.00 -9.55
CA GLN B 223 2.77 24.34 -9.74
C GLN B 223 2.25 24.88 -8.43
N GLU B 224 1.75 26.16 -8.45
CA GLU B 224 1.42 26.89 -7.25
C GLU B 224 0.43 26.14 -6.38
N ASN B 225 -0.55 25.48 -7.02
CA ASN B 225 -1.57 24.72 -6.27
C ASN B 225 -1.03 23.44 -5.69
N ASP B 226 0.26 23.11 -5.78
CA ASP B 226 0.85 21.96 -5.07
C ASP B 226 1.67 22.40 -3.86
N ILE B 227 1.87 23.72 -3.67
CA ILE B 227 2.76 24.13 -2.54
C ILE B 227 2.19 23.68 -1.20
N ALA B 228 0.91 23.78 -0.90
CA ALA B 228 0.53 23.48 0.51
C ALA B 228 0.63 21.97 0.78
N MET B 229 0.46 21.08 -0.21
CA MET B 229 0.61 19.65 0.10
C MET B 229 2.10 19.28 0.23
N ILE B 230 2.96 19.95 -0.56
CA ILE B 230 4.38 19.76 -0.44
C ILE B 230 4.97 20.28 0.86
N GLU B 231 4.36 21.34 1.44
CA GLU B 231 4.86 21.85 2.75
C GLU B 231 4.35 20.89 3.82
N TYR B 232 3.16 20.34 3.75
CA TYR B 232 2.60 19.46 4.78
C TYR B 232 3.28 18.11 4.82
N ALA B 233 3.59 17.52 3.65
CA ALA B 233 4.18 16.19 3.62
C ALA B 233 5.55 16.12 4.29
N GLY B 234 5.82 14.98 4.89
CA GLY B 234 7.18 14.77 5.45
C GLY B 234 8.27 14.82 4.40
N VAL B 235 8.01 14.26 3.18
CA VAL B 235 8.90 14.32 2.04
C VAL B 235 8.17 15.16 0.97
N GLY B 236 8.53 16.42 0.79
CA GLY B 236 7.87 17.27 -0.24
C GLY B 236 8.79 17.24 -1.44
N VAL B 237 8.28 16.95 -2.64
CA VAL B 237 9.07 16.69 -3.88
C VAL B 237 8.54 17.57 -5.01
N ALA B 238 9.43 18.33 -5.63
CA ALA B 238 9.18 19.05 -6.87
C ALA B 238 9.78 18.33 -8.04
N VAL B 239 9.10 18.17 -9.17
CA VAL B 239 9.74 17.76 -10.44
C VAL B 239 10.66 18.89 -10.93
N ASP B 240 11.63 18.49 -11.77
CA ASP B 240 12.61 19.56 -12.24
C ASP B 240 11.96 20.57 -13.11
N ASN B 241 10.78 20.33 -13.69
CA ASN B 241 10.06 21.34 -14.48
C ASN B 241 9.06 22.13 -13.62
N ALA B 242 9.21 22.10 -12.29
CA ALA B 242 8.38 22.88 -11.38
C ALA B 242 8.74 24.34 -11.39
N ILE B 243 7.79 25.22 -11.02
CA ILE B 243 8.09 26.65 -10.89
C ILE B 243 9.02 26.82 -9.69
N PRO B 244 9.70 28.01 -9.63
CA PRO B 244 10.64 28.27 -8.53
C PRO B 244 10.08 28.30 -7.16
N SER B 245 8.82 28.73 -6.97
CA SER B 245 8.23 28.76 -5.62
C SER B 245 7.89 27.33 -5.14
N VAL B 246 7.78 26.37 -6.11
CA VAL B 246 7.56 25.00 -5.60
C VAL B 246 8.88 24.36 -5.22
N LYS B 247 9.93 24.62 -6.01
CA LYS B 247 11.26 24.06 -5.68
C LYS B 247 11.72 24.56 -4.31
N GLU B 248 11.37 25.82 -4.03
CA GLU B 248 11.94 26.41 -2.81
C GLU B 248 11.35 25.73 -1.59
N VAL B 249 10.12 25.21 -1.59
CA VAL B 249 9.61 24.55 -0.39
C VAL B 249 9.87 23.07 -0.37
N ALA B 250 10.35 22.49 -1.47
CA ALA B 250 10.50 21.03 -1.51
C ALA B 250 11.73 20.54 -0.74
N ASN B 251 11.66 19.37 -0.16
CA ASN B 251 12.89 18.78 0.40
C ASN B 251 13.77 18.22 -0.71
N PHE B 252 13.20 17.79 -1.83
CA PHE B 252 13.93 17.15 -2.88
C PHE B 252 13.45 17.61 -4.25
N VAL B 253 14.33 17.88 -5.20
CA VAL B 253 13.98 18.17 -6.57
C VAL B 253 14.28 16.96 -7.43
N THR B 254 13.28 16.25 -7.88
CA THR B 254 13.44 15.04 -8.72
C THR B 254 13.59 15.40 -10.18
N LYS B 255 13.65 14.38 -11.04
CA LYS B 255 13.77 14.64 -12.49
C LYS B 255 12.50 15.26 -13.01
N SER B 256 12.48 15.85 -14.24
CA SER B 256 11.23 16.33 -14.82
C SER B 256 10.27 15.19 -15.11
N ASN B 257 9.04 15.59 -15.42
CA ASN B 257 8.03 14.65 -15.93
C ASN B 257 8.55 13.97 -17.18
N LEU B 258 9.27 14.63 -18.08
CA LEU B 258 9.70 13.98 -19.31
C LEU B 258 10.69 12.87 -19.02
N GLU B 259 11.47 13.02 -17.95
CA GLU B 259 12.50 12.10 -17.51
C GLU B 259 12.10 11.22 -16.33
N ASP B 260 10.81 11.03 -16.13
CA ASP B 260 10.25 10.09 -15.13
C ASP B 260 10.67 10.43 -13.70
N GLY B 261 10.46 11.70 -13.35
CA GLY B 261 10.73 12.18 -11.99
C GLY B 261 9.89 11.44 -10.94
N VAL B 262 8.62 11.15 -11.25
CA VAL B 262 7.80 10.45 -10.24
C VAL B 262 8.39 9.07 -9.93
N ALA B 263 8.84 8.36 -11.00
CA ALA B 263 9.48 7.05 -10.67
C ALA B 263 10.76 7.22 -9.91
N PHE B 264 11.55 8.27 -10.17
CA PHE B 264 12.83 8.44 -9.50
C PHE B 264 12.61 8.73 -8.02
N ALA B 265 11.54 9.50 -7.72
CA ALA B 265 11.29 9.82 -6.31
C ALA B 265 10.73 8.61 -5.57
N ILE B 266 9.87 7.79 -6.19
CA ILE B 266 9.43 6.52 -5.55
C ILE B 266 10.57 5.54 -5.34
N GLU B 267 11.50 5.47 -6.28
CA GLU B 267 12.67 4.61 -6.05
C GLU B 267 13.48 5.14 -4.91
N LYS B 268 13.76 6.40 -4.76
CA LYS B 268 14.59 6.98 -3.70
C LYS B 268 14.01 6.83 -2.31
N TYR B 269 12.73 7.09 -2.08
CA TYR B 269 12.14 7.15 -0.75
C TYR B 269 11.35 5.92 -0.39
N VAL B 270 10.93 5.08 -1.33
CA VAL B 270 10.12 3.91 -1.07
C VAL B 270 10.85 2.64 -1.46
N LEU B 271 11.31 2.43 -2.68
CA LEU B 271 11.78 1.13 -3.09
C LEU B 271 13.20 0.83 -2.66
N ASN B 272 14.00 1.82 -2.33
CA ASN B 272 15.41 1.67 -1.97
C ASN B 272 15.71 2.38 -0.66
#